data_4O32
#
_entry.id   4O32
#
_cell.length_a   77.030
_cell.length_b   77.030
_cell.length_c   134.415
_cell.angle_alpha   90.00
_cell.angle_beta   90.00
_cell.angle_gamma   90.00
#
_symmetry.space_group_name_H-M   'P 43 21 2'
#
loop_
_entity.id
_entity.type
_entity.pdbx_description
1 polymer Thioredoxin
2 non-polymer 'CHLORIDE ION'
3 water water
#
_entity_poly.entity_id   1
_entity_poly.type   'polypeptide(L)'
_entity_poly.pdbx_seq_one_letter_code
;GTKEVTSTNDDPLTPLNRFDKYYLRMFKKVPRLQQNGSNIINGVNMKNTVIVLYFFAKWCQACTMQSTEMDKLQKYYGKR
IYLLKVDLDKNESLARKFSVKSLPTIILLKNKTMLARKDHFVSSNDLIALIKKHLVPR
;
_entity_poly.pdbx_strand_id   A,B,C
#
# COMPACT_ATOMS: atom_id res chain seq x y z
N ASN A 48 29.48 -20.91 -0.88
CA ASN A 48 29.97 -19.95 -1.87
C ASN A 48 29.38 -18.55 -1.66
N THR A 49 28.10 -18.41 -1.95
CA THR A 49 27.42 -17.11 -1.85
C THR A 49 26.02 -17.27 -1.23
N VAL A 50 25.56 -16.25 -0.52
CA VAL A 50 24.31 -16.34 0.23
C VAL A 50 23.08 -16.29 -0.67
N ILE A 51 22.25 -17.32 -0.58
CA ILE A 51 21.02 -17.41 -1.34
C ILE A 51 19.85 -16.84 -0.54
N VAL A 52 19.17 -15.87 -1.12
CA VAL A 52 17.97 -15.32 -0.49
C VAL A 52 16.74 -15.89 -1.17
N LEU A 53 16.27 -17.02 -0.65
CA LEU A 53 15.06 -17.65 -1.14
C LEU A 53 13.84 -16.91 -0.60
N TYR A 54 13.08 -16.29 -1.50
CA TYR A 54 12.00 -15.40 -1.11
C TYR A 54 10.66 -15.82 -1.71
N PHE A 55 9.80 -16.42 -0.88
CA PHE A 55 8.46 -16.78 -1.28
C PHE A 55 7.50 -15.61 -1.14
N PHE A 56 6.78 -15.30 -2.20
CA PHE A 56 5.83 -14.20 -2.19
C PHE A 56 4.56 -14.60 -2.94
N ALA A 57 3.53 -13.77 -2.82
CA ALA A 57 2.35 -13.89 -3.66
C ALA A 57 1.77 -12.51 -3.91
N LYS A 58 0.99 -12.39 -4.98
CA LYS A 58 0.43 -11.09 -5.35
C LYS A 58 -0.73 -10.71 -4.44
N TRP A 59 -1.30 -11.70 -3.75
CA TRP A 59 -2.36 -11.44 -2.81
C TRP A 59 -1.84 -11.19 -1.39
N CYS A 60 -0.52 -11.28 -1.22
N CYS A 60 -0.52 -11.29 -1.20
CA CYS A 60 0.14 -10.98 0.05
CA CYS A 60 0.06 -11.00 0.11
C CYS A 60 0.40 -9.48 0.16
C CYS A 60 0.42 -9.53 0.22
N GLN A 61 -0.30 -8.84 1.10
CA GLN A 61 -0.17 -7.40 1.27
C GLN A 61 1.24 -6.96 1.66
N ALA A 62 1.85 -7.69 2.59
CA ALA A 62 3.19 -7.34 3.05
C ALA A 62 4.27 -7.55 2.00
N CYS A 63 3.95 -8.32 0.96
N CYS A 63 3.98 -8.32 0.96
CA CYS A 63 4.93 -8.69 -0.06
CA CYS A 63 4.98 -8.66 -0.03
C CYS A 63 5.26 -7.53 -0.99
C CYS A 63 5.29 -7.48 -0.95
N THR A 64 4.36 -6.54 -1.04
CA THR A 64 4.58 -5.36 -1.86
C THR A 64 5.79 -4.60 -1.33
N MET A 65 5.79 -4.33 -0.03
CA MET A 65 6.94 -3.68 0.59
C MET A 65 8.12 -4.64 0.71
N GLN A 66 7.85 -5.91 0.97
CA GLN A 66 8.92 -6.90 1.05
C GLN A 66 9.73 -6.92 -0.24
N SER A 67 9.03 -6.84 -1.38
CA SER A 67 9.70 -6.84 -2.68
C SER A 67 10.60 -5.61 -2.85
N THR A 68 10.13 -4.45 -2.39
CA THR A 68 10.95 -3.25 -2.53
C THR A 68 12.12 -3.28 -1.54
N GLU A 69 11.90 -3.87 -0.37
CA GLU A 69 12.99 -4.09 0.58
C GLU A 69 14.05 -5.02 0.00
N MET A 70 13.63 -6.00 -0.80
CA MET A 70 14.57 -6.91 -1.45
C MET A 70 15.43 -6.18 -2.48
N ASP A 71 14.85 -5.13 -3.08
CA ASP A 71 15.60 -4.26 -4.01
C ASP A 71 16.73 -3.55 -3.27
N LYS A 72 16.43 -3.03 -2.09
CA LYS A 72 17.44 -2.40 -1.25
C LYS A 72 18.57 -3.37 -0.94
N LEU A 73 18.20 -4.57 -0.51
CA LEU A 73 19.16 -5.61 -0.14
C LEU A 73 20.11 -5.95 -1.27
N GLN A 74 19.55 -6.13 -2.47
CA GLN A 74 20.37 -6.45 -3.65
C GLN A 74 21.35 -5.34 -3.98
N LYS A 75 20.91 -4.08 -3.84
CA LYS A 75 21.76 -2.93 -4.10
C LYS A 75 22.94 -2.91 -3.13
N TYR A 76 22.65 -3.29 -1.87
CA TYR A 76 23.65 -3.30 -0.82
C TYR A 76 24.72 -4.37 -1.03
N TYR A 77 24.29 -5.58 -1.40
CA TYR A 77 25.21 -6.72 -1.48
C TYR A 77 25.70 -7.04 -2.88
N GLY A 78 24.91 -6.71 -3.89
CA GLY A 78 25.27 -7.05 -5.26
C GLY A 78 25.42 -8.54 -5.43
N LYS A 79 26.53 -8.96 -6.03
CA LYS A 79 26.77 -10.37 -6.33
C LYS A 79 27.16 -11.18 -5.11
N ARG A 80 27.18 -10.56 -3.94
CA ARG A 80 27.44 -11.30 -2.70
C ARG A 80 26.17 -12.01 -2.25
N ILE A 81 25.03 -11.59 -2.80
CA ILE A 81 23.74 -12.17 -2.44
C ILE A 81 23.05 -12.58 -3.74
N TYR A 82 22.34 -13.71 -3.73
CA TYR A 82 21.54 -14.09 -4.88
C TYR A 82 20.07 -14.23 -4.49
N LEU A 83 19.25 -13.30 -4.98
CA LEU A 83 17.82 -13.31 -4.69
C LEU A 83 17.09 -14.32 -5.56
N LEU A 84 16.47 -15.31 -4.91
CA LEU A 84 15.64 -16.27 -5.61
C LEU A 84 14.17 -15.97 -5.27
N LYS A 85 13.54 -15.17 -6.12
CA LYS A 85 12.19 -14.69 -5.87
C LYS A 85 11.16 -15.66 -6.44
N VAL A 86 10.37 -16.27 -5.56
CA VAL A 86 9.47 -17.35 -5.95
C VAL A 86 8.00 -17.02 -5.69
N ASP A 87 7.23 -16.96 -6.77
CA ASP A 87 5.79 -16.78 -6.67
C ASP A 87 5.17 -18.08 -6.20
N LEU A 88 4.65 -18.10 -4.98
CA LEU A 88 4.09 -19.31 -4.40
C LEU A 88 2.98 -19.91 -5.27
N ASP A 89 2.20 -19.05 -5.92
CA ASP A 89 1.10 -19.50 -6.76
C ASP A 89 1.59 -20.22 -8.01
N LYS A 90 2.83 -19.95 -8.41
CA LYS A 90 3.42 -20.59 -9.58
C LYS A 90 4.37 -21.73 -9.20
N ASN A 91 4.57 -21.93 -7.90
CA ASN A 91 5.52 -22.94 -7.44
C ASN A 91 5.03 -23.67 -6.19
N GLU A 92 3.84 -24.26 -6.28
CA GLU A 92 3.21 -24.86 -5.12
C GLU A 92 3.98 -26.04 -4.55
N SER A 93 4.62 -26.82 -5.42
CA SER A 93 5.36 -27.99 -4.94
C SER A 93 6.63 -27.59 -4.22
N LEU A 94 7.29 -26.56 -4.75
CA LEU A 94 8.47 -26.01 -4.09
C LEU A 94 8.09 -25.45 -2.72
N ALA A 95 6.91 -24.86 -2.64
CA ALA A 95 6.41 -24.26 -1.41
C ALA A 95 6.18 -25.34 -0.35
N ARG A 96 5.51 -26.41 -0.74
CA ARG A 96 5.27 -27.53 0.15
C ARG A 96 6.57 -28.15 0.63
N LYS A 97 7.57 -28.17 -0.25
CA LYS A 97 8.88 -28.71 0.08
C LYS A 97 9.53 -27.95 1.25
N PHE A 98 9.39 -26.64 1.24
CA PHE A 98 9.99 -25.81 2.29
C PHE A 98 8.98 -25.48 3.38
N SER A 99 7.86 -26.19 3.36
CA SER A 99 6.79 -26.05 4.36
C SER A 99 6.36 -24.59 4.55
N VAL A 100 6.11 -23.90 3.44
CA VAL A 100 5.66 -22.52 3.50
C VAL A 100 4.23 -22.44 3.99
N LYS A 101 4.01 -21.72 5.09
CA LYS A 101 2.68 -21.62 5.70
C LYS A 101 2.24 -20.17 5.83
N SER A 102 3.18 -19.26 5.59
CA SER A 102 2.91 -17.82 5.69
C SER A 102 3.70 -17.08 4.63
N LEU A 103 3.21 -15.91 4.25
CA LEU A 103 3.92 -15.07 3.31
C LEU A 103 4.04 -13.65 3.86
N PRO A 104 5.19 -13.00 3.61
CA PRO A 104 6.33 -13.58 2.90
C PRO A 104 7.09 -14.60 3.74
N THR A 105 7.84 -15.46 3.08
CA THR A 105 8.77 -16.35 3.78
C THR A 105 10.14 -16.12 3.17
N ILE A 106 11.10 -15.80 4.03
CA ILE A 106 12.46 -15.54 3.57
C ILE A 106 13.39 -16.55 4.18
N ILE A 107 14.11 -17.28 3.32
CA ILE A 107 15.04 -18.28 3.77
C ILE A 107 16.44 -17.93 3.27
N LEU A 108 17.38 -17.79 4.21
CA LEU A 108 18.75 -17.44 3.86
C LEU A 108 19.67 -18.65 3.95
N LEU A 109 20.31 -18.98 2.83
CA LEU A 109 21.15 -20.15 2.73
C LEU A 109 22.58 -19.80 2.34
N LYS A 110 23.56 -20.54 2.88
CA LYS A 110 24.93 -20.44 2.39
C LYS A 110 25.65 -21.77 2.55
N ASN A 111 26.08 -22.33 1.43
CA ASN A 111 26.88 -23.56 1.41
C ASN A 111 26.28 -24.68 2.23
N LYS A 112 25.09 -25.14 1.83
CA LYS A 112 24.48 -26.31 2.44
C LYS A 112 23.89 -26.10 3.83
N THR A 113 24.04 -24.90 4.37
CA THR A 113 23.49 -24.60 5.69
C THR A 113 22.54 -23.41 5.65
N MET A 114 21.41 -23.53 6.35
CA MET A 114 20.46 -22.43 6.41
C MET A 114 20.80 -21.48 7.56
N LEU A 115 21.03 -20.23 7.22
CA LEU A 115 21.39 -19.21 8.21
C LEU A 115 20.20 -18.79 9.08
N ALA A 116 19.10 -18.43 8.42
CA ALA A 116 17.91 -17.94 9.11
C ALA A 116 16.69 -18.10 8.23
N ARG A 117 15.53 -18.16 8.89
CA ARG A 117 14.26 -18.22 8.18
C ARG A 117 13.22 -17.35 8.86
N LYS A 118 12.56 -16.49 8.09
CA LYS A 118 11.51 -15.64 8.61
C LYS A 118 10.20 -15.86 7.85
N ASP A 119 9.11 -16.09 8.58
CA ASP A 119 7.82 -16.34 7.96
C ASP A 119 6.95 -15.09 7.99
N HIS A 120 7.60 -13.93 7.95
CA HIS A 120 6.91 -12.65 7.98
C HIS A 120 7.80 -11.60 7.35
N PHE A 121 7.25 -10.40 7.19
CA PHE A 121 8.00 -9.29 6.62
C PHE A 121 9.27 -9.00 7.40
N VAL A 122 10.35 -8.77 6.66
CA VAL A 122 11.62 -8.37 7.26
C VAL A 122 12.22 -7.27 6.39
N SER A 123 12.55 -6.15 7.01
CA SER A 123 13.14 -5.04 6.27
C SER A 123 14.52 -5.41 5.78
N SER A 124 14.97 -4.70 4.75
CA SER A 124 16.31 -4.84 4.22
C SER A 124 17.36 -4.67 5.32
N ASN A 125 17.16 -3.66 6.16
CA ASN A 125 18.12 -3.39 7.24
C ASN A 125 18.21 -4.58 8.19
N ASP A 126 17.07 -5.10 8.62
CA ASP A 126 17.03 -6.24 9.51
C ASP A 126 17.59 -7.50 8.84
N LEU A 127 17.44 -7.62 7.52
CA LEU A 127 18.00 -8.76 6.80
C LEU A 127 19.52 -8.66 6.78
N ILE A 128 20.03 -7.46 6.58
CA ILE A 128 21.46 -7.21 6.64
C ILE A 128 22.01 -7.55 8.02
N ALA A 129 21.27 -7.15 9.06
CA ALA A 129 21.71 -7.39 10.43
C ALA A 129 21.93 -8.88 10.74
N LEU A 130 20.94 -9.72 10.47
CA LEU A 130 21.08 -11.12 10.84
C LEU A 130 21.95 -11.91 9.86
N ILE A 131 22.11 -11.42 8.63
CA ILE A 131 23.14 -11.97 7.74
C ILE A 131 24.50 -11.75 8.40
N LYS A 132 24.76 -10.51 8.81
CA LYS A 132 25.99 -10.17 9.53
C LYS A 132 26.10 -10.94 10.84
N LYS A 133 24.98 -11.05 11.56
CA LYS A 133 24.94 -11.77 12.83
C LYS A 133 25.37 -13.23 12.67
N HIS A 134 24.92 -13.88 11.61
CA HIS A 134 25.17 -15.29 11.42
C HIS A 134 26.52 -15.59 10.75
N LEU A 135 27.11 -14.61 10.08
CA LEU A 135 28.33 -14.84 9.33
C LEU A 135 29.55 -14.13 9.91
N VAL A 136 29.38 -13.45 11.04
CA VAL A 136 30.49 -12.79 11.71
C VAL A 136 30.71 -13.35 13.11
N LYS B 47 -16.65 9.60 25.29
CA LYS B 47 -17.75 10.52 25.57
C LYS B 47 -18.58 10.78 24.31
N ASN B 48 -18.65 12.05 23.90
CA ASN B 48 -19.20 12.38 22.59
C ASN B 48 -18.07 12.79 21.64
N THR B 49 -16.96 12.10 21.77
CA THR B 49 -15.78 12.31 20.94
C THR B 49 -15.78 11.33 19.77
N VAL B 50 -15.40 11.79 18.58
CA VAL B 50 -15.25 10.90 17.44
C VAL B 50 -14.01 10.03 17.63
N ILE B 51 -14.21 8.72 17.74
CA ILE B 51 -13.08 7.80 17.84
C ILE B 51 -12.59 7.40 16.45
N VAL B 52 -11.35 7.73 16.17
CA VAL B 52 -10.74 7.35 14.90
C VAL B 52 -9.90 6.09 15.10
N LEU B 53 -10.52 4.94 14.84
CA LEU B 53 -9.84 3.66 14.96
C LEU B 53 -9.01 3.40 13.71
N TYR B 54 -7.69 3.40 13.87
CA TYR B 54 -6.76 3.31 12.76
C TYR B 54 -5.86 2.06 12.83
N PHE B 55 -6.19 1.04 12.03
CA PHE B 55 -5.36 -0.16 11.92
C PHE B 55 -4.22 0.03 10.92
N PHE B 56 -3.00 -0.27 11.36
CA PHE B 56 -1.82 -0.10 10.50
C PHE B 56 -0.79 -1.22 10.72
N ALA B 57 0.28 -1.18 9.93
CA ALA B 57 1.43 -2.07 10.12
C ALA B 57 2.69 -1.51 9.48
N LYS B 58 3.85 -1.95 9.97
CA LYS B 58 5.12 -1.52 9.41
C LYS B 58 5.29 -1.95 7.96
N TRP B 59 4.59 -3.02 7.57
CA TRP B 59 4.72 -3.56 6.22
C TRP B 59 3.67 -3.02 5.24
N CYS B 60 2.74 -2.21 5.72
N CYS B 60 2.77 -2.16 5.73
CA CYS B 60 1.76 -1.58 4.84
CA CYS B 60 1.75 -1.54 4.91
C CYS B 60 2.35 -0.31 4.27
C CYS B 60 2.28 -0.25 4.26
N GLN B 61 2.53 -0.28 2.95
CA GLN B 61 3.22 0.83 2.29
C GLN B 61 2.44 2.14 2.22
N ALA B 62 1.14 2.10 2.45
CA ALA B 62 0.34 3.33 2.41
C ALA B 62 0.16 3.93 3.80
N CYS B 63 0.52 3.17 4.83
N CYS B 63 0.54 3.18 4.83
CA CYS B 63 0.26 3.57 6.21
CA CYS B 63 0.27 3.56 6.21
C CYS B 63 1.13 4.73 6.68
C CYS B 63 1.17 4.69 6.72
N THR B 64 2.31 4.87 6.09
CA THR B 64 3.21 5.96 6.46
C THR B 64 2.55 7.30 6.10
N MET B 65 2.02 7.39 4.89
CA MET B 65 1.36 8.59 4.45
C MET B 65 -0.01 8.74 5.12
N GLN B 66 -0.64 7.63 5.46
CA GLN B 66 -1.89 7.68 6.20
C GLN B 66 -1.68 8.28 7.59
N SER B 67 -0.57 7.91 8.23
CA SER B 67 -0.25 8.43 9.56
C SER B 67 -0.01 9.94 9.51
N THR B 68 0.74 10.39 8.51
CA THR B 68 0.95 11.82 8.27
C THR B 68 -0.39 12.53 8.22
N GLU B 69 -1.32 11.87 7.54
CA GLU B 69 -2.66 12.38 7.32
C GLU B 69 -3.47 12.42 8.62
N MET B 70 -3.26 11.43 9.48
CA MET B 70 -3.93 11.38 10.78
C MET B 70 -3.47 12.51 11.69
N ASP B 71 -2.21 12.89 11.56
CA ASP B 71 -1.67 14.01 12.33
C ASP B 71 -2.36 15.30 11.92
N LYS B 72 -2.70 15.43 10.64
CA LYS B 72 -3.38 16.63 10.17
C LYS B 72 -4.80 16.67 10.68
N LEU B 73 -5.44 15.50 10.72
CA LEU B 73 -6.80 15.40 11.24
C LEU B 73 -6.85 15.79 12.72
N GLN B 74 -5.86 15.35 13.47
CA GLN B 74 -5.77 15.63 14.90
C GLN B 74 -5.55 17.11 15.15
N LYS B 75 -4.66 17.71 14.37
CA LYS B 75 -4.39 19.13 14.46
C LYS B 75 -5.65 19.94 14.18
N TYR B 76 -6.49 19.42 13.29
CA TYR B 76 -7.69 20.13 12.86
C TYR B 76 -8.81 20.07 13.89
N TYR B 77 -9.03 18.90 14.48
CA TYR B 77 -10.14 18.72 15.41
C TYR B 77 -9.77 18.82 16.88
N GLY B 78 -8.48 18.62 17.18
CA GLY B 78 -8.05 18.58 18.56
C GLY B 78 -8.75 17.48 19.33
N LYS B 79 -9.31 17.83 20.48
CA LYS B 79 -9.91 16.86 21.38
C LYS B 79 -11.31 16.44 20.93
N ARG B 80 -11.79 17.04 19.85
CA ARG B 80 -13.08 16.63 19.31
C ARG B 80 -12.98 15.25 18.67
N ILE B 81 -11.76 14.81 18.37
CA ILE B 81 -11.55 13.43 17.94
C ILE B 81 -10.46 12.75 18.78
N TYR B 82 -10.55 11.43 18.93
CA TYR B 82 -9.54 10.66 19.62
C TYR B 82 -8.96 9.60 18.70
N LEU B 83 -7.66 9.69 18.43
CA LEU B 83 -7.02 8.78 17.49
C LEU B 83 -6.48 7.54 18.17
N LEU B 84 -7.09 6.39 17.90
CA LEU B 84 -6.57 5.13 18.39
C LEU B 84 -5.84 4.38 17.28
N LYS B 85 -4.51 4.42 17.32
CA LYS B 85 -3.68 3.68 16.37
C LYS B 85 -3.51 2.24 16.83
N VAL B 86 -3.82 1.30 15.95
CA VAL B 86 -3.70 -0.12 16.28
C VAL B 86 -2.78 -0.89 15.34
N ASP B 87 -1.61 -1.27 15.83
CA ASP B 87 -0.71 -2.15 15.09
C ASP B 87 -1.26 -3.56 15.18
N LEU B 88 -1.73 -4.10 14.06
CA LEU B 88 -2.42 -5.38 14.08
C LEU B 88 -1.44 -6.55 14.22
N ASP B 89 -0.15 -6.27 14.05
CA ASP B 89 0.88 -7.24 14.42
C ASP B 89 0.94 -7.37 15.93
N LYS B 90 0.84 -6.25 16.64
CA LYS B 90 0.92 -6.24 18.10
C LYS B 90 -0.43 -6.51 18.75
N ASN B 91 -1.47 -6.65 17.94
CA ASN B 91 -2.82 -6.85 18.46
C ASN B 91 -3.71 -7.41 17.36
N GLU B 92 -3.50 -8.68 17.03
CA GLU B 92 -4.27 -9.35 15.99
C GLU B 92 -5.70 -9.63 16.46
N SER B 93 -5.92 -9.51 17.77
CA SER B 93 -7.22 -9.81 18.36
C SER B 93 -8.27 -8.77 18.00
N LEU B 94 -7.96 -7.50 18.24
CA LEU B 94 -8.88 -6.40 17.96
C LEU B 94 -9.22 -6.35 16.48
N ALA B 95 -8.22 -6.57 15.64
CA ALA B 95 -8.40 -6.58 14.19
C ALA B 95 -9.41 -7.64 13.75
N ARG B 96 -9.38 -8.79 14.43
CA ARG B 96 -10.30 -9.88 14.13
C ARG B 96 -11.74 -9.49 14.45
N LYS B 97 -11.92 -8.72 15.52
CA LYS B 97 -13.24 -8.26 15.93
C LYS B 97 -13.90 -7.40 14.86
N PHE B 98 -13.11 -6.51 14.25
CA PHE B 98 -13.61 -5.63 13.20
C PHE B 98 -13.36 -6.21 11.81
N SER B 99 -12.88 -7.44 11.78
CA SER B 99 -12.63 -8.16 10.52
C SER B 99 -11.75 -7.35 9.58
N VAL B 100 -10.59 -6.93 10.08
CA VAL B 100 -9.66 -6.16 9.27
C VAL B 100 -9.00 -7.05 8.24
N LYS B 101 -9.32 -6.81 6.96
CA LYS B 101 -8.78 -7.62 5.87
C LYS B 101 -7.58 -6.96 5.21
N SER B 102 -7.65 -5.64 5.04
N SER B 102 -7.65 -5.63 5.03
CA SER B 102 -6.60 -4.90 4.36
CA SER B 102 -6.59 -4.91 4.37
C SER B 102 -6.19 -3.65 5.14
C SER B 102 -6.18 -3.68 5.16
N LEU B 103 -5.05 -3.08 4.77
CA LEU B 103 -4.52 -1.92 5.47
C LEU B 103 -4.18 -0.78 4.50
N PRO B 104 -4.43 0.46 4.91
CA PRO B 104 -5.00 0.82 6.22
C PRO B 104 -6.51 0.59 6.31
N THR B 105 -7.01 0.36 7.52
CA THR B 105 -8.44 0.36 7.77
C THR B 105 -8.76 1.49 8.74
N ILE B 106 -9.60 2.42 8.31
CA ILE B 106 -10.02 3.53 9.15
C ILE B 106 -11.48 3.36 9.54
N ILE B 107 -11.75 3.35 10.84
CA ILE B 107 -13.11 3.23 11.34
C ILE B 107 -13.46 4.41 12.25
N LEU B 108 -14.50 5.14 11.90
CA LEU B 108 -14.93 6.30 12.68
C LEU B 108 -16.11 5.94 13.56
N LEU B 109 -15.92 6.07 14.88
CA LEU B 109 -16.94 5.71 15.85
C LEU B 109 -17.41 6.93 16.64
N LYS B 110 -18.71 7.02 16.85
CA LYS B 110 -19.29 8.06 17.67
C LYS B 110 -20.30 7.44 18.64
N ASN B 111 -19.96 7.45 19.92
CA ASN B 111 -20.74 6.78 20.95
C ASN B 111 -20.95 5.30 20.62
N LYS B 112 -22.21 4.91 20.43
CA LYS B 112 -22.53 3.51 20.19
C LYS B 112 -22.69 3.20 18.71
N THR B 113 -22.33 4.16 17.86
CA THR B 113 -22.53 4.01 16.43
C THR B 113 -21.22 4.10 15.64
N MET B 114 -21.14 3.33 14.56
CA MET B 114 -20.04 3.47 13.62
C MET B 114 -20.46 4.43 12.52
N LEU B 115 -19.66 5.47 12.28
CA LEU B 115 -20.04 6.50 11.33
C LEU B 115 -19.66 6.11 9.91
N ALA B 116 -18.39 5.75 9.73
CA ALA B 116 -17.89 5.36 8.43
C ALA B 116 -16.72 4.41 8.58
N ARG B 117 -16.50 3.60 7.55
CA ARG B 117 -15.36 2.69 7.51
C ARG B 117 -14.70 2.72 6.14
N LYS B 118 -13.39 2.86 6.13
CA LYS B 118 -12.64 2.86 4.87
C LYS B 118 -11.52 1.84 4.96
N ASP B 119 -11.38 1.02 3.92
CA ASP B 119 -10.40 -0.05 3.94
C ASP B 119 -9.27 0.25 2.95
N HIS B 120 -8.94 1.53 2.86
CA HIS B 120 -7.86 2.03 2.01
C HIS B 120 -7.43 3.41 2.52
N PHE B 121 -6.40 3.98 1.90
CA PHE B 121 -5.92 5.31 2.26
C PHE B 121 -7.05 6.33 2.17
N VAL B 122 -7.08 7.25 3.14
CA VAL B 122 -8.06 8.33 3.16
C VAL B 122 -7.39 9.63 3.61
N SER B 123 -7.53 10.67 2.79
CA SER B 123 -6.93 11.96 3.13
C SER B 123 -7.59 12.60 4.34
N SER B 124 -6.92 13.60 4.91
CA SER B 124 -7.44 14.33 6.06
C SER B 124 -8.68 15.09 5.64
N ASN B 125 -8.62 15.73 4.48
CA ASN B 125 -9.78 16.39 3.91
C ASN B 125 -10.97 15.44 3.72
N ASP B 126 -10.69 14.22 3.25
CA ASP B 126 -11.76 13.22 3.08
C ASP B 126 -12.36 12.82 4.43
N LEU B 127 -11.50 12.60 5.42
CA LEU B 127 -11.96 12.21 6.76
C LEU B 127 -12.83 13.30 7.39
N ILE B 128 -12.47 14.56 7.13
CA ILE B 128 -13.25 15.69 7.62
C ILE B 128 -14.62 15.72 6.94
N ALA B 129 -14.65 15.52 5.63
CA ALA B 129 -15.90 15.47 4.87
C ALA B 129 -16.79 14.35 5.37
N LEU B 130 -16.19 13.21 5.69
CA LEU B 130 -16.93 12.06 6.20
C LEU B 130 -17.60 12.36 7.53
N ILE B 131 -16.83 12.94 8.45
CA ILE B 131 -17.33 13.28 9.78
C ILE B 131 -18.51 14.25 9.67
N LYS B 132 -18.35 15.30 8.89
CA LYS B 132 -19.40 16.28 8.66
C LYS B 132 -20.62 15.65 8.00
N LYS B 133 -20.39 14.78 7.02
CA LYS B 133 -21.47 14.12 6.30
C LYS B 133 -22.37 13.32 7.25
N HIS B 134 -21.76 12.54 8.13
CA HIS B 134 -22.52 11.66 9.01
C HIS B 134 -23.02 12.35 10.28
N LEU B 135 -22.50 13.54 10.58
CA LEU B 135 -22.96 14.27 11.76
C LEU B 135 -23.83 15.46 11.40
N VAL B 136 -24.02 15.69 10.10
CA VAL B 136 -24.90 16.72 9.56
C VAL B 136 -24.57 18.11 10.10
N MET C 46 -4.10 13.36 -26.74
CA MET C 46 -3.60 13.83 -28.03
C MET C 46 -3.84 15.33 -28.19
N LYS C 47 -3.76 16.06 -27.08
CA LYS C 47 -3.95 17.51 -27.09
C LYS C 47 -3.42 18.15 -25.82
N ASN C 48 -4.01 19.29 -25.44
CA ASN C 48 -3.68 19.94 -24.19
C ASN C 48 -4.69 19.54 -23.10
N THR C 49 -4.77 18.25 -22.85
CA THR C 49 -5.73 17.70 -21.88
C THR C 49 -4.98 17.04 -20.72
N VAL C 50 -5.62 16.98 -19.55
CA VAL C 50 -5.03 16.32 -18.40
C VAL C 50 -5.15 14.80 -18.56
N ILE C 51 -4.02 14.12 -18.62
CA ILE C 51 -4.02 12.67 -18.70
C ILE C 51 -3.92 12.05 -17.31
N VAL C 52 -4.97 11.32 -16.93
CA VAL C 52 -4.93 10.55 -15.68
C VAL C 52 -4.44 9.14 -15.97
N LEU C 53 -3.15 8.90 -15.73
CA LEU C 53 -2.56 7.58 -15.91
C LEU C 53 -2.77 6.73 -14.67
N TYR C 54 -3.64 5.73 -14.80
CA TYR C 54 -4.10 4.94 -13.65
C TYR C 54 -3.65 3.46 -13.76
N PHE C 55 -2.69 3.09 -12.91
CA PHE C 55 -2.25 1.70 -12.83
C PHE C 55 -3.06 0.95 -11.79
N PHE C 56 -3.58 -0.22 -12.18
CA PHE C 56 -4.37 -1.05 -11.28
C PHE C 56 -4.11 -2.53 -11.55
N ALA C 57 -4.66 -3.39 -10.69
CA ALA C 57 -4.64 -4.83 -10.92
C ALA C 57 -5.81 -5.50 -10.22
N LYS C 58 -6.13 -6.72 -10.62
CA LYS C 58 -7.28 -7.44 -10.08
C LYS C 58 -7.08 -7.85 -8.63
N TRP C 59 -5.82 -8.01 -8.23
CA TRP C 59 -5.49 -8.39 -6.86
C TRP C 59 -5.26 -7.18 -5.96
N CYS C 60 -5.40 -5.99 -6.52
CA CYS C 60 -5.31 -4.75 -5.75
C CYS C 60 -6.67 -4.47 -5.13
N GLN C 61 -6.80 -4.69 -3.83
CA GLN C 61 -8.11 -4.69 -3.18
C GLN C 61 -8.75 -3.31 -3.12
N ALA C 62 -7.94 -2.27 -3.16
CA ALA C 62 -8.45 -0.90 -3.12
C ALA C 62 -8.73 -0.35 -4.53
N CYS C 63 -8.39 -1.12 -5.56
CA CYS C 63 -8.47 -0.61 -6.93
C CYS C 63 -9.90 -0.54 -7.45
N THR C 64 -10.78 -1.41 -6.95
CA THR C 64 -12.18 -1.38 -7.37
C THR C 64 -12.84 -0.07 -6.96
N MET C 65 -12.60 0.36 -5.72
CA MET C 65 -13.09 1.64 -5.23
C MET C 65 -12.40 2.80 -5.93
N GLN C 66 -11.13 2.61 -6.28
CA GLN C 66 -10.39 3.62 -7.02
C GLN C 66 -11.04 3.84 -8.38
N SER C 67 -11.48 2.75 -9.01
CA SER C 67 -12.13 2.81 -10.31
C SER C 67 -13.48 3.53 -10.23
N THR C 68 -14.25 3.21 -9.20
CA THR C 68 -15.50 3.92 -8.92
C THR C 68 -15.22 5.41 -8.80
N GLU C 69 -14.10 5.70 -8.17
CA GLU C 69 -13.67 7.07 -7.95
C GLU C 69 -13.24 7.74 -9.25
N MET C 70 -12.66 6.97 -10.16
CA MET C 70 -12.26 7.50 -11.47
C MET C 70 -13.47 7.84 -12.32
N ASP C 71 -14.54 7.07 -12.15
CA ASP C 71 -15.81 7.35 -12.84
C ASP C 71 -16.33 8.73 -12.46
N LYS C 72 -16.36 9.01 -11.15
CA LYS C 72 -16.74 10.33 -10.66
C LYS C 72 -15.90 11.43 -11.28
N LEU C 73 -14.59 11.18 -11.37
CA LEU C 73 -13.66 12.17 -11.92
C LEU C 73 -13.96 12.42 -13.39
N GLN C 74 -14.23 11.34 -14.13
N GLN C 74 -14.24 11.34 -14.12
CA GLN C 74 -14.60 11.43 -15.54
CA GLN C 74 -14.59 11.44 -15.54
C GLN C 74 -15.87 12.26 -15.70
C GLN C 74 -15.89 12.22 -15.74
N LYS C 75 -16.88 11.94 -14.89
CA LYS C 75 -18.17 12.61 -14.96
C LYS C 75 -18.09 14.10 -14.60
N TYR C 76 -17.05 14.47 -13.85
CA TYR C 76 -16.91 15.85 -13.39
C TYR C 76 -16.21 16.73 -14.43
N TYR C 77 -15.22 16.16 -15.11
CA TYR C 77 -14.39 16.91 -16.04
C TYR C 77 -14.75 16.65 -17.49
N GLY C 78 -15.41 15.53 -17.75
CA GLY C 78 -15.74 15.14 -19.12
C GLY C 78 -14.51 15.07 -19.99
N LYS C 79 -14.53 15.79 -21.10
CA LYS C 79 -13.48 15.71 -22.12
C LYS C 79 -12.18 16.39 -21.70
N ARG C 80 -12.22 17.19 -20.64
CA ARG C 80 -11.03 17.89 -20.17
C ARG C 80 -10.01 16.92 -19.58
N ILE C 81 -10.48 15.71 -19.28
CA ILE C 81 -9.63 14.66 -18.74
C ILE C 81 -9.67 13.43 -19.64
N TYR C 82 -8.51 12.82 -19.87
CA TYR C 82 -8.48 11.53 -20.53
C TYR C 82 -7.96 10.46 -19.57
N LEU C 83 -8.81 9.50 -19.25
CA LEU C 83 -8.47 8.46 -18.29
C LEU C 83 -7.78 7.27 -18.97
N LEU C 84 -6.50 7.12 -18.71
CA LEU C 84 -5.73 6.01 -19.26
C LEU C 84 -5.56 4.91 -18.22
N LYS C 85 -6.50 3.98 -18.21
CA LYS C 85 -6.54 2.91 -17.21
C LYS C 85 -5.70 1.72 -17.67
N VAL C 86 -4.70 1.36 -16.87
CA VAL C 86 -3.73 0.35 -17.27
C VAL C 86 -3.63 -0.81 -16.29
N ASP C 87 -3.93 -2.02 -16.77
CA ASP C 87 -3.77 -3.24 -15.96
C ASP C 87 -2.28 -3.57 -15.88
N LEU C 88 -1.72 -3.49 -14.68
CA LEU C 88 -0.30 -3.74 -14.50
C LEU C 88 0.08 -5.16 -14.91
N ASP C 89 -0.82 -6.11 -14.70
CA ASP C 89 -0.55 -7.51 -15.04
C ASP C 89 -0.45 -7.73 -16.55
N LYS C 90 -0.96 -6.77 -17.33
CA LYS C 90 -0.94 -6.87 -18.79
C LYS C 90 0.04 -5.90 -19.41
N ASN C 91 0.68 -5.07 -18.59
CA ASN C 91 1.61 -4.06 -19.08
C ASN C 91 2.80 -3.88 -18.15
N GLU C 92 3.52 -4.98 -17.89
CA GLU C 92 4.59 -4.96 -16.91
C GLU C 92 5.79 -4.10 -17.34
N SER C 93 6.00 -3.96 -18.63
CA SER C 93 7.10 -3.12 -19.11
C SER C 93 6.78 -1.64 -18.97
N LEU C 94 5.54 -1.28 -19.24
CA LEU C 94 5.07 0.10 -19.08
C LEU C 94 5.14 0.51 -17.61
N ALA C 95 4.70 -0.39 -16.74
CA ALA C 95 4.74 -0.14 -15.29
C ALA C 95 6.17 0.04 -14.81
N ARG C 96 7.08 -0.76 -15.35
CA ARG C 96 8.50 -0.69 -14.99
C ARG C 96 9.11 0.63 -15.43
N LYS C 97 8.67 1.11 -16.60
CA LYS C 97 9.09 2.39 -17.12
C LYS C 97 8.73 3.51 -16.15
N PHE C 98 7.57 3.38 -15.51
CA PHE C 98 7.10 4.40 -14.57
C PHE C 98 7.38 4.02 -13.11
N SER C 99 8.22 3.01 -12.92
CA SER C 99 8.65 2.60 -11.59
C SER C 99 7.47 2.32 -10.64
N VAL C 100 6.42 1.71 -11.16
CA VAL C 100 5.22 1.47 -10.37
C VAL C 100 5.51 0.37 -9.36
N LYS C 101 5.52 0.74 -8.08
CA LYS C 101 5.93 -0.16 -7.01
C LYS C 101 4.76 -0.55 -6.10
N SER C 102 3.63 0.10 -6.30
CA SER C 102 2.46 -0.15 -5.47
C SER C 102 1.20 0.22 -6.20
N LEU C 103 0.08 -0.35 -5.78
CA LEU C 103 -1.19 -0.09 -6.42
C LEU C 103 -2.22 0.36 -5.39
N PRO C 104 -3.10 1.31 -5.77
CA PRO C 104 -3.06 1.97 -7.09
C PRO C 104 -1.97 3.03 -7.20
N THR C 105 -1.49 3.24 -8.43
CA THR C 105 -0.59 4.35 -8.71
C THR C 105 -1.29 5.26 -9.72
N ILE C 106 -1.26 6.55 -9.45
CA ILE C 106 -1.97 7.53 -10.26
C ILE C 106 -1.06 8.67 -10.63
N ILE C 107 -0.94 8.93 -11.93
CA ILE C 107 -0.06 9.97 -12.42
C ILE C 107 -0.83 10.96 -13.30
N LEU C 108 -0.78 12.23 -12.94
CA LEU C 108 -1.45 13.26 -13.73
C LEU C 108 -0.44 13.94 -14.65
N LEU C 109 -0.73 13.95 -15.94
CA LEU C 109 0.18 14.57 -16.90
C LEU C 109 -0.52 15.56 -17.79
N LYS C 110 0.23 16.53 -18.30
CA LYS C 110 -0.31 17.50 -19.24
C LYS C 110 0.81 18.13 -20.07
N ASN C 111 0.83 17.79 -21.36
CA ASN C 111 1.82 18.30 -22.32
C ASN C 111 3.26 18.18 -21.84
N LYS C 112 3.77 16.95 -21.79
CA LYS C 112 5.15 16.65 -21.41
C LYS C 112 5.47 17.03 -19.96
N THR C 113 4.44 17.35 -19.17
CA THR C 113 4.64 17.75 -17.79
C THR C 113 3.84 16.85 -16.84
N MET C 114 4.49 16.33 -15.82
CA MET C 114 3.79 15.58 -14.79
C MET C 114 3.35 16.52 -13.67
N LEU C 115 2.04 16.63 -13.47
CA LEU C 115 1.49 17.51 -12.46
C LEU C 115 1.66 16.91 -11.07
N ALA C 116 1.21 15.68 -10.91
CA ALA C 116 1.25 15.03 -9.61
C ALA C 116 1.28 13.52 -9.73
N ARG C 117 1.85 12.88 -8.72
CA ARG C 117 1.86 11.42 -8.65
C ARG C 117 1.51 10.97 -7.24
N LYS C 118 0.60 10.01 -7.15
CA LYS C 118 0.21 9.42 -5.88
C LYS C 118 0.33 7.90 -5.96
N ASP C 119 1.11 7.33 -5.04
CA ASP C 119 1.35 5.90 -5.03
C ASP C 119 0.37 5.18 -4.10
N HIS C 120 -0.84 5.69 -4.02
CA HIS C 120 -1.88 5.11 -3.17
C HIS C 120 -3.25 5.58 -3.64
N PHE C 121 -4.29 5.04 -3.00
CA PHE C 121 -5.66 5.47 -3.26
C PHE C 121 -5.80 6.98 -3.08
N VAL C 122 -6.57 7.61 -3.96
CA VAL C 122 -6.89 9.01 -3.82
C VAL C 122 -8.30 9.26 -4.37
N SER C 123 -9.09 10.02 -3.62
CA SER C 123 -10.47 10.27 -3.98
C SER C 123 -10.58 11.20 -5.17
N SER C 124 -11.75 11.22 -5.80
N SER C 124 -11.75 11.21 -5.80
CA SER C 124 -12.01 12.12 -6.92
CA SER C 124 -12.02 12.11 -6.91
C SER C 124 -11.94 13.56 -6.45
C SER C 124 -11.93 13.56 -6.44
N ASN C 125 -12.43 13.82 -5.24
CA ASN C 125 -12.33 15.15 -4.63
C ASN C 125 -10.88 15.60 -4.50
N ASP C 126 -10.01 14.70 -4.07
CA ASP C 126 -8.60 15.02 -3.94
C ASP C 126 -7.92 15.17 -5.31
N LEU C 127 -8.35 14.39 -6.30
CA LEU C 127 -7.80 14.51 -7.64
C LEU C 127 -8.19 15.87 -8.25
N ILE C 128 -9.45 16.27 -8.06
CA ILE C 128 -9.93 17.57 -8.50
C ILE C 128 -9.11 18.70 -7.89
N ALA C 129 -8.90 18.62 -6.58
CA ALA C 129 -8.11 19.64 -5.88
C ALA C 129 -6.66 19.60 -6.36
N LEU C 130 -6.16 18.39 -6.60
CA LEU C 130 -4.80 18.21 -7.09
C LEU C 130 -4.64 18.90 -8.45
N ILE C 131 -5.65 18.73 -9.31
CA ILE C 131 -5.63 19.33 -10.64
C ILE C 131 -5.75 20.85 -10.58
N LYS C 132 -6.63 21.34 -9.72
CA LYS C 132 -6.80 22.78 -9.54
C LYS C 132 -5.54 23.41 -8.97
N LYS C 133 -4.91 22.73 -8.02
CA LYS C 133 -3.68 23.23 -7.40
C LYS C 133 -2.57 23.48 -8.44
N HIS C 134 -2.42 22.55 -9.38
CA HIS C 134 -1.34 22.66 -10.35
C HIS C 134 -1.73 23.45 -11.61
N LEU C 135 -3.02 23.76 -11.76
CA LEU C 135 -3.49 24.45 -12.96
C LEU C 135 -4.05 25.85 -12.70
N VAL C 136 -4.56 26.09 -11.50
CA VAL C 136 -5.11 27.41 -11.16
C VAL C 136 -4.06 28.29 -10.49
#